data_5ZEH
#
_entry.id   5ZEH
#
_cell.length_a   87.605
_cell.length_b   97.494
_cell.length_c   133.255
_cell.angle_alpha   90.00
_cell.angle_beta   90.00
_cell.angle_gamma   90.00
#
_symmetry.space_group_name_H-M   'I 21 21 21'
#
loop_
_entity.id
_entity.type
_entity.pdbx_description
1 polymer Arginase
2 non-polymer L-ornithine
3 non-polymer 'MANGANESE (II) ION'
4 non-polymer 1,2-ETHANEDIOL
5 water water
#
_entity_poly.entity_id   1
_entity_poly.type   'polypeptide(L)'
_entity_poly.pdbx_seq_one_letter_code
;HHHHHHSSGENLYFQSMQFEKVTYIAVPQKYGQKKVGVEEGPKFLEKLGFMNVLEQVAKSVNKKTITEPKTPQELGVTNA
RNLNEVESVNIELRDTIAKEYDVNNLLINIGGDHSIGLGTIAGVVKAMKPNARVGVVWFDAHPDMNTPENSPSGNIHGMP
LACAVGLGPQRLTSIMPHYITPKDIMYVGIRSIDVGEQFEIQDKHIDHFTAEDVKRVGMKEVIEAINKKFVDYDVIHLSF
DIDGIDPEFILGTGTPVPKGISLEDSLYFMSEMGKMKKLHSVDIVEYNPKIEEEITGKNVLKCISSLFGIKC
;
_entity_poly.pdbx_strand_id   A,B
#
# COMPACT_ATOMS: atom_id res chain seq x y z
N MET A 17 -16.86 6.89 7.77
CA MET A 17 -17.46 5.77 7.05
C MET A 17 -16.63 5.40 5.82
N GLN A 18 -17.06 5.81 4.64
CA GLN A 18 -16.30 5.51 3.45
C GLN A 18 -15.75 6.80 2.88
N PHE A 19 -14.65 6.70 2.17
CA PHE A 19 -14.02 7.85 1.50
C PHE A 19 -13.71 7.51 0.05
N GLU A 20 -13.70 8.54 -0.80
CA GLU A 20 -13.21 8.41 -2.17
C GLU A 20 -11.77 7.93 -2.16
N LYS A 21 -10.93 8.55 -1.33
CA LYS A 21 -9.56 8.10 -1.17
C LYS A 21 -9.04 8.24 0.27
N VAL A 22 -7.91 7.60 0.51
CA VAL A 22 -7.16 7.73 1.73
C VAL A 22 -5.73 8.01 1.29
N THR A 23 -5.15 9.09 1.80
CA THR A 23 -3.76 9.38 1.56
C THR A 23 -3.00 8.75 2.71
N TYR A 24 -2.01 7.94 2.36
CA TYR A 24 -1.24 7.20 3.32
C TYR A 24 0.17 7.69 3.12
N ILE A 25 0.70 8.36 4.14
CA ILE A 25 2.08 8.82 4.11
C ILE A 25 2.89 7.95 5.07
N ALA A 26 3.82 7.20 4.49
CA ALA A 26 4.79 6.45 5.27
C ALA A 26 5.89 7.43 5.60
N VAL A 27 6.26 7.51 6.88
CA VAL A 27 7.30 8.38 7.38
C VAL A 27 8.33 7.57 8.20
N PRO A 28 9.38 7.04 7.53
CA PRO A 28 10.40 6.24 8.17
C PRO A 28 11.48 7.10 8.82
N GLN A 29 11.14 7.61 10.00
CA GLN A 29 11.95 8.53 10.75
C GLN A 29 12.35 7.96 12.11
N LYS A 30 13.64 7.69 12.28
CA LYS A 30 14.19 7.32 13.61
C LYS A 30 14.98 8.46 14.28
N TYR A 31 15.30 9.52 13.54
CA TYR A 31 16.30 10.49 13.98
C TYR A 31 15.86 11.43 15.11
N GLY A 32 14.56 11.44 15.40
CA GLY A 32 14.04 12.15 16.59
C GLY A 32 14.33 11.50 17.93
N GLN A 33 14.90 10.29 17.91
CA GLN A 33 15.35 9.61 19.13
C GLN A 33 16.54 8.69 18.79
N LYS A 34 16.96 7.86 19.74
CA LYS A 34 18.21 7.09 19.61
C LYS A 34 18.02 5.67 19.09
N LYS A 35 16.91 5.03 19.44
CA LYS A 35 16.71 3.60 19.18
C LYS A 35 16.31 3.29 17.73
N VAL A 36 17.06 2.37 17.11
CA VAL A 36 16.83 1.93 15.74
C VAL A 36 15.53 1.10 15.68
N GLY A 37 14.85 1.14 14.54
CA GLY A 37 13.73 0.25 14.25
C GLY A 37 12.38 0.93 14.11
N VAL A 38 12.20 2.09 14.75
CA VAL A 38 10.96 2.86 14.62
C VAL A 38 10.74 3.40 13.23
N GLU A 39 11.82 3.51 12.43
CA GLU A 39 11.72 3.85 11.01
C GLU A 39 10.98 2.78 10.18
N GLU A 40 11.00 1.54 10.67
CA GLU A 40 10.35 0.41 10.02
C GLU A 40 8.91 0.16 10.52
N GLY A 41 8.33 1.08 11.28
CA GLY A 41 6.92 0.94 11.68
C GLY A 41 5.93 0.82 10.53
N PRO A 42 6.07 1.66 9.48
CA PRO A 42 5.15 1.55 8.34
C PRO A 42 5.25 0.20 7.70
N LYS A 43 6.47 -0.20 7.35
CA LYS A 43 6.77 -1.51 6.77
C LYS A 43 6.14 -2.65 7.57
N PHE A 44 6.23 -2.58 8.89
CA PHE A 44 5.74 -3.66 9.75
C PHE A 44 4.23 -3.65 9.96
N LEU A 45 3.62 -2.48 10.04
CA LEU A 45 2.17 -2.37 9.99
C LEU A 45 1.62 -2.92 8.66
N GLU A 46 2.38 -2.75 7.58
CA GLU A 46 2.01 -3.33 6.28
C GLU A 46 2.03 -4.84 6.30
N LYS A 47 3.03 -5.46 6.94
CA LYS A 47 3.07 -6.94 7.09
C LYS A 47 1.86 -7.47 7.85
N LEU A 48 1.38 -6.71 8.82
CA LEU A 48 0.26 -7.16 9.66
C LEU A 48 -1.12 -6.78 9.10
N GLY A 49 -1.15 -6.23 7.89
CA GLY A 49 -2.38 -6.04 7.13
C GLY A 49 -2.95 -4.64 7.11
N PHE A 50 -2.11 -3.64 7.32
CA PHE A 50 -2.54 -2.24 7.31
C PHE A 50 -3.28 -1.88 6.01
N MET A 51 -2.72 -2.29 4.87
CA MET A 51 -3.35 -1.98 3.59
C MET A 51 -4.75 -2.56 3.52
N ASN A 52 -4.91 -3.79 3.98
CA ASN A 52 -6.23 -4.42 4.02
C ASN A 52 -7.23 -3.70 4.95
N VAL A 53 -6.76 -3.00 5.96
CA VAL A 53 -7.63 -2.17 6.80
C VAL A 53 -8.13 -0.96 6.00
N LEU A 54 -7.22 -0.28 5.30
CA LEU A 54 -7.55 0.87 4.46
C LEU A 54 -8.48 0.48 3.32
N GLU A 55 -8.33 -0.75 2.83
CA GLU A 55 -9.19 -1.32 1.80
C GLU A 55 -10.68 -1.42 2.23
N GLN A 56 -10.96 -1.44 3.54
CA GLN A 56 -12.36 -1.40 4.05
C GLN A 56 -12.97 0.02 4.03
N VAL A 57 -12.15 1.03 3.78
CA VAL A 57 -12.51 2.43 3.97
C VAL A 57 -12.52 3.23 2.65
N ALA A 58 -11.55 2.98 1.79
CA ALA A 58 -11.53 3.56 0.45
C ALA A 58 -11.04 2.54 -0.57
N LYS A 59 -11.61 2.59 -1.77
CA LYS A 59 -11.11 1.82 -2.88
C LYS A 59 -9.79 2.37 -3.42
N SER A 60 -9.48 3.64 -3.11
CA SER A 60 -8.25 4.29 -3.53
C SER A 60 -7.36 4.62 -2.33
N VAL A 61 -6.09 4.26 -2.46
CA VAL A 61 -5.09 4.61 -1.49
C VAL A 61 -3.90 5.16 -2.24
N ASN A 62 -3.62 6.44 -1.99
CA ASN A 62 -2.43 7.09 -2.53
C ASN A 62 -1.40 7.06 -1.41
N LYS A 63 -0.44 6.15 -1.55
CA LYS A 63 0.65 6.06 -0.63
C LYS A 63 1.76 6.98 -1.09
N LYS A 64 2.30 7.75 -0.15
CA LYS A 64 3.52 8.50 -0.34
C LYS A 64 4.53 7.99 0.66
N THR A 65 5.77 7.73 0.22
CA THR A 65 6.87 7.47 1.13
C THR A 65 7.77 8.70 1.25
N ILE A 66 7.88 9.22 2.47
CA ILE A 66 8.82 10.31 2.78
C ILE A 66 10.22 9.72 2.85
N THR A 67 11.17 10.32 2.16
CA THR A 67 12.53 9.78 2.00
C THR A 67 13.20 9.53 3.35
N GLU A 68 13.74 8.32 3.51
CA GLU A 68 14.45 7.94 4.73
C GLU A 68 15.86 8.51 4.64
N PRO A 69 16.27 9.32 5.64
CA PRO A 69 17.69 9.70 5.67
C PRO A 69 18.54 8.48 6.08
N LYS A 70 19.75 8.41 5.54
CA LYS A 70 20.65 7.27 5.71
C LYS A 70 22.04 7.69 6.21
N THR A 71 22.07 8.74 7.04
CA THR A 71 23.31 9.19 7.68
C THR A 71 23.43 8.52 9.05
N PRO A 72 24.68 8.36 9.56
CA PRO A 72 24.81 7.76 10.91
C PRO A 72 24.10 8.56 12.00
N GLN A 73 23.56 7.88 13.00
CA GLN A 73 23.03 8.56 14.19
C GLN A 73 24.20 9.12 14.98
N GLU A 74 24.11 10.41 15.35
CA GLU A 74 25.08 11.00 16.29
C GLU A 74 24.57 10.70 17.71
N LEU A 75 25.38 10.06 18.54
CA LEU A 75 24.84 9.61 19.82
C LEU A 75 25.41 10.18 21.10
N GLY A 76 26.21 11.21 20.98
CA GLY A 76 26.80 11.84 22.13
C GLY A 76 25.93 12.92 22.73
N VAL A 77 26.56 13.74 23.55
CA VAL A 77 25.92 14.85 24.21
C VAL A 77 25.63 15.88 23.19
N THR A 78 24.36 16.19 23.06
CA THR A 78 23.87 17.19 22.13
C THR A 78 22.55 17.64 22.66
N ASN A 79 22.25 18.92 22.47
CA ASN A 79 20.96 19.44 22.94
C ASN A 79 19.80 19.19 21.93
N ALA A 80 20.11 19.10 20.63
CA ALA A 80 19.17 18.59 19.62
C ALA A 80 19.86 17.66 18.61
N ARG A 81 19.55 16.38 18.75
CA ARG A 81 20.23 15.31 18.03
C ARG A 81 19.65 15.10 16.61
N ASN A 82 20.55 15.06 15.62
CA ASN A 82 20.23 14.84 14.22
C ASN A 82 19.22 15.86 13.67
N LEU A 83 19.49 17.13 13.93
CA LEU A 83 18.62 18.23 13.48
C LEU A 83 18.41 18.24 11.97
N ASN A 84 19.50 18.03 11.22
CA ASN A 84 19.48 17.93 9.75
C ASN A 84 18.43 16.94 9.22
N GLU A 85 18.38 15.78 9.87
CA GLU A 85 17.53 14.69 9.43
C GLU A 85 16.07 14.94 9.82
N VAL A 86 15.85 15.53 11.00
CA VAL A 86 14.48 15.88 11.43
C VAL A 86 13.95 17.08 10.65
N GLU A 87 14.84 18.01 10.32
CA GLU A 87 14.50 19.14 9.46
C GLU A 87 14.06 18.63 8.07
N SER A 88 14.95 17.92 7.38
CA SER A 88 14.72 17.50 6.01
C SER A 88 13.44 16.69 5.87
N VAL A 89 13.19 15.78 6.81
CA VAL A 89 11.98 14.95 6.81
C VAL A 89 10.70 15.76 7.07
N ASN A 90 10.71 16.64 8.06
CA ASN A 90 9.52 17.46 8.35
C ASN A 90 9.16 18.44 7.23
N ILE A 91 10.18 18.95 6.51
CA ILE A 91 9.95 19.84 5.36
C ILE A 91 9.25 19.04 4.24
N GLU A 92 9.82 17.91 3.88
CA GLU A 92 9.23 17.03 2.86
C GLU A 92 7.82 16.56 3.27
N LEU A 93 7.63 16.26 4.55
CA LEU A 93 6.35 15.82 5.08
C LEU A 93 5.29 16.93 5.02
N ARG A 94 5.67 18.12 5.47
CA ARG A 94 4.80 19.32 5.41
C ARG A 94 4.32 19.62 4.00
N ASP A 95 5.27 19.57 3.07
CA ASP A 95 5.01 19.88 1.67
C ASP A 95 4.10 18.84 1.01
N THR A 96 4.37 17.56 1.26
CA THR A 96 3.53 16.47 0.78
C THR A 96 2.11 16.61 1.32
N ILE A 97 1.99 16.84 2.62
CA ILE A 97 0.67 16.99 3.24
C ILE A 97 -0.09 18.19 2.70
N ALA A 98 0.61 19.30 2.46
CA ALA A 98 -0.02 20.50 1.91
C ALA A 98 -0.67 20.23 0.57
N LYS A 99 0.02 19.48 -0.28
CA LYS A 99 -0.55 19.01 -1.55
C LYS A 99 -1.67 17.98 -1.41
N GLU A 100 -1.61 17.10 -0.42
CA GLU A 100 -2.52 15.96 -0.36
C GLU A 100 -3.64 16.06 0.67
N TYR A 101 -3.59 17.04 1.56
CA TYR A 101 -4.60 17.18 2.60
C TYR A 101 -5.94 17.54 1.94
N ASP A 102 -7.04 17.06 2.50
CA ASP A 102 -8.34 17.14 1.86
C ASP A 102 -9.46 17.01 2.88
N VAL A 103 -10.29 18.04 3.05
CA VAL A 103 -11.35 17.99 4.07
C VAL A 103 -12.49 17.02 3.76
N ASN A 104 -12.54 16.51 2.53
CA ASN A 104 -13.49 15.46 2.12
C ASN A 104 -12.98 14.03 2.27
N ASN A 105 -11.69 13.86 2.55
CA ASN A 105 -11.02 12.55 2.61
C ASN A 105 -10.18 12.46 3.88
N LEU A 106 -9.41 11.38 4.02
CA LEU A 106 -8.63 11.12 5.22
C LEU A 106 -7.16 11.00 4.83
N LEU A 107 -6.29 11.68 5.56
CA LEU A 107 -4.85 11.51 5.42
C LEU A 107 -4.32 10.80 6.67
N ILE A 108 -3.57 9.71 6.50
CA ILE A 108 -2.99 8.99 7.63
C ILE A 108 -1.47 8.93 7.48
N ASN A 109 -0.78 9.50 8.47
CA ASN A 109 0.68 9.45 8.58
C ASN A 109 1.05 8.31 9.52
N ILE A 110 1.98 7.46 9.10
CA ILE A 110 2.47 6.40 9.96
C ILE A 110 3.94 6.66 10.17
N GLY A 111 4.32 6.82 11.42
CA GLY A 111 5.70 7.00 11.78
C GLY A 111 6.43 5.71 12.07
N GLY A 112 7.73 5.77 12.35
CA GLY A 112 8.44 7.01 12.63
C GLY A 112 8.18 7.51 14.02
N ASP A 113 9.18 8.17 14.61
CA ASP A 113 9.09 8.74 15.95
C ASP A 113 8.30 10.08 15.93
N HIS A 114 8.00 10.64 17.10
CA HIS A 114 7.05 11.74 17.17
C HIS A 114 7.63 13.12 16.80
N SER A 115 8.90 13.17 16.39
CA SER A 115 9.46 14.36 15.74
C SER A 115 8.82 14.70 14.39
N ILE A 116 8.08 13.75 13.81
CA ILE A 116 7.33 14.00 12.57
C ILE A 116 6.10 14.86 12.82
N GLY A 117 5.55 14.83 14.04
CA GLY A 117 4.37 15.63 14.40
C GLY A 117 4.48 17.13 14.13
N LEU A 118 5.71 17.64 14.13
CA LEU A 118 5.98 19.00 13.68
C LEU A 118 5.62 19.09 12.20
N GLY A 119 6.23 18.20 11.41
CA GLY A 119 5.98 18.12 9.98
C GLY A 119 4.51 17.95 9.64
N THR A 120 3.79 17.16 10.44
CA THR A 120 2.39 16.84 10.14
C THR A 120 1.47 18.01 10.47
N ILE A 121 1.69 18.67 11.61
CA ILE A 121 0.89 19.85 11.95
C ILE A 121 1.22 21.02 11.01
N ALA A 122 2.49 21.12 10.62
CA ALA A 122 2.95 22.09 9.63
C ALA A 122 2.24 21.95 8.30
N GLY A 123 2.13 20.72 7.84
CA GLY A 123 1.43 20.37 6.61
C GLY A 123 -0.04 20.76 6.64
N VAL A 124 -0.74 20.40 7.72
CA VAL A 124 -2.17 20.74 7.85
C VAL A 124 -2.36 22.24 7.85
N VAL A 125 -1.52 22.94 8.60
CA VAL A 125 -1.55 24.40 8.61
C VAL A 125 -1.28 24.95 7.21
N LYS A 126 -0.30 24.40 6.49
CA LYS A 126 0.05 24.90 5.15
C LYS A 126 -1.05 24.66 4.11
N ALA A 127 -1.83 23.60 4.30
CA ALA A 127 -2.93 23.27 3.41
C ALA A 127 -4.11 24.25 3.56
N MET A 128 -4.35 24.73 4.77
CA MET A 128 -5.46 25.64 5.04
C MET A 128 -5.07 27.10 4.71
N LYS A 129 -6.07 27.98 4.66
CA LYS A 129 -5.82 29.42 4.62
C LYS A 129 -5.23 29.87 5.97
N PRO A 130 -4.47 30.98 6.00
CA PRO A 130 -3.90 31.52 7.25
C PRO A 130 -4.91 31.80 8.38
N ASN A 131 -6.13 32.17 8.03
CA ASN A 131 -7.22 32.38 9.01
C ASN A 131 -7.86 31.10 9.54
N ALA A 132 -7.44 29.95 9.06
CA ALA A 132 -8.00 28.66 9.51
C ALA A 132 -7.58 28.29 10.94
N ARG A 133 -8.57 27.85 11.71
CA ARG A 133 -8.39 27.42 13.08
C ARG A 133 -8.20 25.89 13.07
N VAL A 134 -6.96 25.47 13.32
CA VAL A 134 -6.54 24.07 13.30
C VAL A 134 -6.42 23.60 14.75
N GLY A 135 -7.24 22.62 15.14
CA GLY A 135 -7.19 22.01 16.48
C GLY A 135 -6.29 20.79 16.47
N VAL A 136 -5.63 20.51 17.60
CA VAL A 136 -4.73 19.36 17.70
C VAL A 136 -5.02 18.53 18.94
N VAL A 137 -5.40 17.27 18.74
CA VAL A 137 -5.52 16.28 19.82
C VAL A 137 -4.24 15.46 19.82
N TRP A 138 -3.54 15.48 20.96
CA TRP A 138 -2.21 14.91 21.09
C TRP A 138 -2.24 13.82 22.16
N PHE A 139 -2.53 12.61 21.69
CA PHE A 139 -2.67 11.41 22.52
C PHE A 139 -1.28 10.82 22.70
N ASP A 140 -0.78 10.82 23.95
CA ASP A 140 0.64 10.57 24.21
C ASP A 140 0.90 10.42 25.72
N ALA A 141 1.96 9.69 26.11
CA ALA A 141 2.45 9.72 27.49
C ALA A 141 3.18 11.03 27.83
N HIS A 142 3.75 11.62 26.79
CA HIS A 142 4.53 12.83 26.88
C HIS A 142 3.93 14.04 26.21
N PRO A 143 4.10 15.23 26.80
CA PRO A 143 3.61 16.43 26.12
C PRO A 143 4.43 16.87 24.90
N ASP A 144 5.70 16.42 24.81
CA ASP A 144 6.59 16.79 23.72
C ASP A 144 6.70 18.30 23.54
N MET A 145 6.87 18.99 24.66
CA MET A 145 6.98 20.44 24.71
C MET A 145 8.36 20.86 25.24
N ASN A 146 9.36 20.00 25.08
CA ASN A 146 10.71 20.37 25.49
C ASN A 146 11.31 21.22 24.40
N THR A 147 12.32 21.97 24.80
CA THR A 147 13.17 22.71 23.90
C THR A 147 14.59 22.13 24.05
N PRO A 148 15.48 22.38 23.07
CA PRO A 148 16.87 21.92 23.19
C PRO A 148 17.56 22.29 24.51
N GLU A 149 17.17 23.44 25.05
CA GLU A 149 17.83 23.96 26.25
C GLU A 149 17.36 23.23 27.52
N ASN A 150 16.07 22.88 27.61
CA ASN A 150 15.55 22.18 28.80
C ASN A 150 15.34 20.66 28.64
N SER A 151 15.80 20.10 27.52
CA SER A 151 15.57 18.69 27.22
C SER A 151 16.57 17.83 27.98
N PRO A 152 16.09 16.79 28.68
CA PRO A 152 17.03 15.83 29.30
C PRO A 152 17.81 14.97 28.30
N SER A 153 17.23 14.72 27.13
CA SER A 153 17.77 13.73 26.17
C SER A 153 18.47 14.33 24.96
N GLY A 154 18.07 15.54 24.56
CA GLY A 154 18.36 16.06 23.22
C GLY A 154 17.67 15.30 22.06
N ASN A 155 16.62 14.53 22.38
CA ASN A 155 15.88 13.80 21.36
C ASN A 155 14.80 14.73 20.83
N ILE A 156 14.89 15.08 19.55
CA ILE A 156 13.99 16.08 18.98
C ILE A 156 12.52 15.62 19.04
N HIS A 157 12.27 14.31 19.18
CA HIS A 157 10.89 13.79 19.32
C HIS A 157 10.16 14.21 20.60
N GLY A 158 10.88 14.90 21.48
CA GLY A 158 10.30 15.43 22.70
C GLY A 158 9.97 16.91 22.56
N MET A 159 10.43 17.49 21.46
CA MET A 159 10.29 18.89 21.15
C MET A 159 9.24 19.39 20.14
N PRO A 160 8.74 18.53 19.25
CA PRO A 160 7.84 18.94 18.15
C PRO A 160 6.68 19.85 18.42
N LEU A 161 5.93 19.63 19.46
CA LEU A 161 4.76 20.45 19.76
C LEU A 161 5.17 21.82 20.34
N ALA A 162 6.33 21.87 21.00
CA ALA A 162 6.97 23.13 21.35
C ALA A 162 7.35 23.87 20.08
N CYS A 163 7.94 23.17 19.11
CA CYS A 163 8.31 23.80 17.84
C CYS A 163 7.11 24.40 17.10
N ALA A 164 5.98 23.70 17.16
CA ALA A 164 4.74 24.12 16.51
C ALA A 164 4.18 25.41 17.08
N VAL A 165 4.32 25.61 18.39
CA VAL A 165 3.91 26.88 19.04
C VAL A 165 5.00 27.96 19.04
N GLY A 166 6.15 27.67 18.44
CA GLY A 166 7.23 28.66 18.24
C GLY A 166 8.32 28.65 19.30
N LEU A 167 8.29 27.64 20.19
CA LEU A 167 9.33 27.44 21.20
C LEU A 167 10.31 26.40 20.70
N GLY A 168 11.53 26.82 20.40
CA GLY A 168 12.52 25.90 19.87
C GLY A 168 13.45 26.60 18.93
N PRO A 169 14.39 25.86 18.34
CA PRO A 169 15.35 26.47 17.45
C PRO A 169 14.73 26.91 16.14
N GLN A 170 15.38 27.86 15.48
CA GLN A 170 14.86 28.51 14.29
C GLN A 170 14.60 27.50 13.15
N ARG A 171 15.55 26.59 12.92
CA ARG A 171 15.42 25.61 11.82
C ARG A 171 14.22 24.68 11.92
N LEU A 172 13.65 24.51 13.11
CA LEU A 172 12.42 23.71 13.30
C LEU A 172 11.17 24.56 13.38
N THR A 173 11.23 25.64 14.14
CA THR A 173 10.07 26.53 14.28
C THR A 173 9.66 27.16 12.94
N SER A 174 10.65 27.46 12.10
CA SER A 174 10.41 28.02 10.75
C SER A 174 9.75 27.07 9.76
N ILE A 175 9.74 25.77 10.05
CA ILE A 175 8.99 24.82 9.26
C ILE A 175 7.48 25.14 9.32
N MET A 176 7.02 25.68 10.44
CA MET A 176 5.62 26.12 10.52
C MET A 176 5.39 27.34 9.61
N PRO A 177 4.38 27.30 8.72
CA PRO A 177 4.10 28.54 7.97
C PRO A 177 3.78 29.69 8.92
N HIS A 178 2.86 29.44 9.84
CA HIS A 178 2.71 30.21 11.07
C HIS A 178 2.48 29.22 12.20
N TYR A 179 2.74 29.68 13.43
CA TYR A 179 2.62 28.85 14.62
C TYR A 179 1.17 28.61 14.99
N ILE A 180 0.90 27.44 15.53
CA ILE A 180 -0.31 27.20 16.33
C ILE A 180 -0.05 27.78 17.72
N THR A 181 -1.09 27.81 18.56
CA THR A 181 -0.95 28.28 19.93
C THR A 181 -1.30 27.18 20.92
N PRO A 182 -0.86 27.33 22.18
CA PRO A 182 -1.22 26.41 23.27
C PRO A 182 -2.73 26.14 23.44
N LYS A 183 -3.57 27.14 23.17
CA LYS A 183 -5.00 26.96 23.30
C LYS A 183 -5.59 26.05 22.22
N ASP A 184 -4.81 25.77 21.18
CA ASP A 184 -5.20 24.80 20.14
C ASP A 184 -4.89 23.32 20.46
N ILE A 185 -4.30 23.03 21.62
CA ILE A 185 -3.86 21.67 21.96
C ILE A 185 -4.74 21.02 23.03
N MET A 186 -5.14 19.77 22.76
CA MET A 186 -5.80 18.91 23.75
C MET A 186 -4.93 17.68 23.95
N TYR A 187 -4.34 17.59 25.15
CA TYR A 187 -3.48 16.47 25.54
C TYR A 187 -4.34 15.34 26.11
N VAL A 188 -4.06 14.11 25.71
CA VAL A 188 -4.78 12.92 26.24
C VAL A 188 -3.78 11.84 26.66
N GLY A 189 -3.87 11.43 27.92
CA GLY A 189 -3.04 10.37 28.47
C GLY A 189 -1.63 10.74 28.91
N ILE A 190 -1.30 12.04 28.90
CA ILE A 190 0.02 12.50 29.35
C ILE A 190 0.26 12.13 30.81
N ARG A 191 1.49 11.71 31.10
CA ARG A 191 1.90 11.31 32.44
C ARG A 191 3.35 11.70 32.66
N SER A 192 4.23 11.26 31.77
CA SER A 192 5.65 11.61 31.91
C SER A 192 5.86 13.06 31.41
N ILE A 193 5.96 13.99 32.37
CA ILE A 193 6.01 15.42 32.09
C ILE A 193 7.31 15.97 32.68
N ASP A 194 8.18 16.54 31.85
CA ASP A 194 9.38 17.24 32.35
C ASP A 194 9.04 18.59 32.97
N VAL A 195 10.00 19.15 33.69
CA VAL A 195 9.81 20.42 34.39
C VAL A 195 9.45 21.56 33.44
N GLY A 196 10.13 21.65 32.30
CA GLY A 196 9.85 22.70 31.29
C GLY A 196 8.52 22.52 30.58
N GLU A 197 8.09 21.26 30.44
CA GLU A 197 6.78 20.95 29.87
C GLU A 197 5.66 21.28 30.85
N GLN A 198 5.90 21.04 32.13
CA GLN A 198 4.93 21.38 33.18
C GLN A 198 4.71 22.90 33.26
N PHE A 199 5.79 23.66 33.02
CA PHE A 199 5.72 25.12 33.02
C PHE A 199 4.74 25.58 31.95
N GLU A 200 4.87 25.00 30.75
CA GLU A 200 4.00 25.35 29.63
C GLU A 200 2.55 24.98 29.85
N ILE A 201 2.30 23.85 30.48
CA ILE A 201 0.93 23.39 30.74
C ILE A 201 0.22 24.27 31.78
N GLN A 202 0.91 24.67 32.84
CA GLN A 202 0.31 25.57 33.82
C GLN A 202 0.28 27.01 33.30
N ASP A 203 1.38 27.47 32.72
CA ASP A 203 1.52 28.87 32.28
C ASP A 203 0.58 29.21 31.12
N LYS A 204 0.52 28.35 30.11
CA LYS A 204 -0.37 28.55 28.96
C LYS A 204 -1.79 27.95 29.14
N HIS A 205 -2.12 27.40 30.32
CA HIS A 205 -3.42 26.77 30.58
C HIS A 205 -3.85 25.74 29.50
N ILE A 206 -2.97 24.79 29.19
CA ILE A 206 -3.19 23.88 28.07
C ILE A 206 -4.12 22.78 28.54
N ASP A 207 -5.25 22.63 27.85
CA ASP A 207 -6.24 21.60 28.18
C ASP A 207 -5.61 20.21 28.09
N HIS A 208 -5.96 19.36 29.03
CA HIS A 208 -5.33 18.06 29.15
C HIS A 208 -6.15 17.15 30.03
N PHE A 209 -6.13 15.87 29.66
CA PHE A 209 -6.51 14.80 30.54
C PHE A 209 -5.27 13.93 30.61
N THR A 210 -4.72 13.78 31.81
CA THR A 210 -3.66 12.81 32.06
C THR A 210 -4.25 11.42 31.99
N ALA A 211 -3.39 10.42 31.96
CA ALA A 211 -3.82 9.04 32.11
C ALA A 211 -4.68 8.87 33.36
N GLU A 212 -4.23 9.44 34.49
CA GLU A 212 -4.99 9.33 35.75
C GLU A 212 -6.35 10.03 35.66
N ASP A 213 -6.38 11.22 35.06
CA ASP A 213 -7.65 11.95 34.83
C ASP A 213 -8.62 11.14 33.98
N VAL A 214 -8.10 10.54 32.91
CA VAL A 214 -8.92 9.69 32.02
C VAL A 214 -9.59 8.58 32.82
N LYS A 215 -8.82 7.88 33.64
CA LYS A 215 -9.36 6.82 34.49
C LYS A 215 -10.52 7.32 35.35
N ARG A 216 -10.31 8.45 36.03
CA ARG A 216 -11.27 8.96 36.99
C ARG A 216 -12.56 9.45 36.31
N VAL A 217 -12.41 10.25 35.26
CA VAL A 217 -13.55 10.90 34.58
C VAL A 217 -14.25 9.97 33.57
N GLY A 218 -13.47 9.12 32.90
CA GLY A 218 -13.99 8.22 31.86
C GLY A 218 -13.81 8.84 30.49
N MET A 219 -13.35 8.03 29.53
CA MET A 219 -12.98 8.50 28.19
C MET A 219 -14.14 9.13 27.41
N LYS A 220 -15.38 8.81 27.78
CA LYS A 220 -16.57 9.50 27.29
C LYS A 220 -16.47 11.02 27.47
N GLU A 221 -16.05 11.45 28.65
CA GLU A 221 -15.96 12.87 28.97
C GLU A 221 -14.75 13.58 28.36
N VAL A 222 -13.73 12.81 27.98
CA VAL A 222 -12.61 13.32 27.17
C VAL A 222 -13.16 13.73 25.80
N ILE A 223 -14.00 12.89 25.21
CA ILE A 223 -14.59 13.15 23.89
C ILE A 223 -15.49 14.39 23.90
N GLU A 224 -16.38 14.50 24.90
CA GLU A 224 -17.21 15.70 25.06
C GLU A 224 -16.36 16.96 25.23
N ALA A 225 -15.23 16.84 25.93
CA ALA A 225 -14.28 17.93 26.10
C ALA A 225 -13.57 18.30 24.80
N ILE A 226 -13.24 17.31 23.98
CA ILE A 226 -12.67 17.55 22.65
C ILE A 226 -13.71 18.21 21.72
N ASN A 227 -14.94 17.67 21.73
CA ASN A 227 -16.00 18.17 20.85
C ASN A 227 -16.44 19.58 21.19
N LYS A 228 -16.52 19.89 22.48
CA LYS A 228 -16.91 21.23 22.92
C LYS A 228 -15.78 22.25 22.69
N LYS A 229 -14.53 21.80 22.74
CA LYS A 229 -13.37 22.67 22.61
C LYS A 229 -13.12 23.10 21.18
N PHE A 230 -13.28 22.19 20.22
CA PHE A 230 -13.03 22.50 18.81
C PHE A 230 -14.29 22.85 18.00
N VAL A 231 -15.40 23.16 18.67
CA VAL A 231 -16.67 23.56 18.01
C VAL A 231 -16.49 24.69 16.98
N ASP A 232 -15.72 25.71 17.33
CA ASP A 232 -15.43 26.87 16.46
C ASP A 232 -14.15 26.75 15.63
N TYR A 233 -13.55 25.56 15.57
CA TYR A 233 -12.35 25.35 14.77
C TYR A 233 -12.77 24.81 13.39
N ASP A 234 -11.85 24.90 12.44
CA ASP A 234 -12.12 24.45 11.08
C ASP A 234 -11.82 22.96 10.94
N VAL A 235 -10.60 22.57 11.32
CA VAL A 235 -10.18 21.17 11.29
C VAL A 235 -9.58 20.74 12.62
N ILE A 236 -9.60 19.44 12.87
CA ILE A 236 -8.91 18.81 13.98
C ILE A 236 -7.85 17.91 13.35
N HIS A 237 -6.70 17.83 14.00
CA HIS A 237 -5.65 16.89 13.66
C HIS A 237 -5.42 16.02 14.90
N LEU A 238 -5.29 14.72 14.71
CA LEU A 238 -5.01 13.77 15.81
C LEU A 238 -3.59 13.27 15.64
N SER A 239 -2.76 13.49 16.65
CA SER A 239 -1.41 12.93 16.68
C SER A 239 -1.40 11.86 17.76
N PHE A 240 -1.36 10.60 17.35
CA PHE A 240 -1.56 9.46 18.23
C PHE A 240 -0.27 8.72 18.40
N ASP A 241 0.33 8.87 19.58
CA ASP A 241 1.56 8.22 20.03
C ASP A 241 1.03 6.94 20.65
N ILE A 242 1.48 5.78 20.20
CA ILE A 242 1.03 4.50 20.77
C ILE A 242 1.40 4.33 22.24
N ASP A 243 2.47 5.01 22.70
CA ASP A 243 2.89 4.89 24.10
C ASP A 243 2.02 5.67 25.08
N GLY A 244 1.05 6.43 24.58
CA GLY A 244 -0.05 6.90 25.41
C GLY A 244 -0.86 5.75 26.00
N ILE A 245 -0.84 4.62 25.28
CA ILE A 245 -1.50 3.40 25.72
C ILE A 245 -0.59 2.66 26.70
N ASP A 246 -1.21 2.01 27.66
CA ASP A 246 -0.49 1.27 28.70
C ASP A 246 0.49 0.24 28.10
N PRO A 247 1.70 0.09 28.69
CA PRO A 247 2.68 -0.89 28.19
C PRO A 247 2.32 -2.39 28.30
N GLU A 248 1.27 -2.72 29.06
CA GLU A 248 0.68 -4.05 29.04
C GLU A 248 0.40 -4.47 27.60
N PHE A 249 -0.19 -3.55 26.83
CA PHE A 249 -0.64 -3.75 25.44
C PHE A 249 0.33 -3.24 24.39
N ILE A 250 1.12 -2.22 24.71
CA ILE A 250 2.04 -1.62 23.73
C ILE A 250 3.46 -1.69 24.27
N LEU A 251 4.23 -2.65 23.79
CA LEU A 251 5.63 -2.80 24.18
C LEU A 251 6.59 -2.27 23.12
N GLY A 252 6.24 -2.43 21.85
CA GLY A 252 7.06 -1.99 20.74
C GLY A 252 7.06 -0.48 20.60
N THR A 253 7.77 0.17 21.52
CA THR A 253 7.85 1.61 21.56
C THR A 253 9.09 1.94 22.38
N GLY A 254 9.79 3.02 22.03
CA GLY A 254 11.10 3.33 22.62
C GLY A 254 11.05 3.86 24.06
N THR A 255 10.01 4.62 24.38
CA THR A 255 9.82 5.21 25.70
C THR A 255 8.47 4.82 26.31
N PRO A 256 8.31 3.56 26.73
CA PRO A 256 7.07 3.14 27.40
C PRO A 256 6.97 3.73 28.81
N VAL A 257 5.76 3.93 29.30
CA VAL A 257 5.51 4.62 30.56
C VAL A 257 4.26 4.01 31.21
N PRO A 258 4.38 3.50 32.45
CA PRO A 258 3.24 2.80 33.10
C PRO A 258 2.05 3.69 33.44
N LYS A 259 0.98 3.08 33.92
CA LYS A 259 -0.30 3.74 34.27
C LYS A 259 -0.91 4.48 33.09
N GLY A 260 -0.76 3.94 31.89
CA GLY A 260 -1.30 4.56 30.70
C GLY A 260 -2.77 4.30 30.49
N ILE A 261 -3.23 4.66 29.29
CA ILE A 261 -4.61 4.50 28.90
C ILE A 261 -4.77 3.02 28.55
N SER A 262 -5.86 2.41 29.00
CA SER A 262 -6.14 1.01 28.65
C SER A 262 -6.41 0.88 27.15
N LEU A 263 -6.27 -0.34 26.64
CA LEU A 263 -6.55 -0.61 25.23
C LEU A 263 -8.02 -0.34 24.96
N GLU A 264 -8.88 -0.86 25.85
CA GLU A 264 -10.32 -0.60 25.83
C GLU A 264 -10.66 0.87 25.64
N ASP A 265 -10.04 1.73 26.47
CA ASP A 265 -10.23 3.19 26.36
C ASP A 265 -9.63 3.79 25.09
N SER A 266 -8.49 3.26 24.64
CA SER A 266 -7.88 3.70 23.38
C SER A 266 -8.74 3.37 22.14
N LEU A 267 -9.44 2.24 22.16
CA LEU A 267 -10.32 1.86 21.05
C LEU A 267 -11.60 2.68 21.06
N TYR A 268 -12.14 2.96 22.25
CA TYR A 268 -13.31 3.84 22.39
C TYR A 268 -12.94 5.26 21.95
N PHE A 269 -11.73 5.70 22.33
CA PHE A 269 -11.20 7.00 21.95
C PHE A 269 -11.11 7.14 20.43
N MET A 270 -10.51 6.16 19.78
CA MET A 270 -10.35 6.18 18.33
C MET A 270 -11.69 6.11 17.60
N SER A 271 -12.57 5.24 18.11
CA SER A 271 -13.94 5.14 17.62
C SER A 271 -14.60 6.53 17.59
N GLU A 272 -14.59 7.22 18.73
CA GLU A 272 -15.27 8.52 18.81
C GLU A 272 -14.52 9.67 18.13
N MET A 273 -13.19 9.59 18.08
CA MET A 273 -12.40 10.54 17.28
C MET A 273 -12.75 10.42 15.79
N GLY A 274 -12.78 9.19 15.29
CA GLY A 274 -13.14 8.91 13.90
C GLY A 274 -14.47 9.47 13.43
N LYS A 275 -15.42 9.58 14.36
CA LYS A 275 -16.76 10.13 14.10
C LYS A 275 -16.83 11.67 14.10
N MET A 276 -15.69 12.36 14.26
CA MET A 276 -15.69 13.82 14.27
C MET A 276 -15.57 14.36 12.86
N LYS A 277 -16.59 15.10 12.43
CA LYS A 277 -16.62 15.70 11.09
C LYS A 277 -15.33 16.49 10.78
N LYS A 278 -14.79 17.17 11.78
CA LYS A 278 -13.55 17.94 11.61
C LYS A 278 -12.26 17.14 11.42
N LEU A 279 -12.28 15.86 11.76
CA LEU A 279 -11.06 15.04 11.71
C LEU A 279 -10.79 14.57 10.29
N HIS A 280 -9.72 15.07 9.69
CA HIS A 280 -9.31 14.69 8.33
C HIS A 280 -7.87 14.22 8.22
N SER A 281 -7.15 14.15 9.34
CA SER A 281 -5.72 13.80 9.36
C SER A 281 -5.35 13.12 10.68
N VAL A 282 -4.49 12.11 10.60
CA VAL A 282 -4.10 11.30 11.75
C VAL A 282 -2.64 10.87 11.64
N ASP A 283 -1.86 11.08 12.69
CA ASP A 283 -0.53 10.47 12.80
C ASP A 283 -0.65 9.26 13.71
N ILE A 284 -0.01 8.15 13.35
CA ILE A 284 0.17 7.00 14.22
C ILE A 284 1.66 6.86 14.35
N VAL A 285 2.18 6.98 15.57
CA VAL A 285 3.62 7.16 15.78
C VAL A 285 4.24 6.33 16.90
N GLU A 286 5.55 6.14 16.80
CA GLU A 286 6.41 5.49 17.82
C GLU A 286 6.22 3.99 17.95
N TYR A 287 5.84 3.32 16.86
CA TYR A 287 5.89 1.86 16.77
C TYR A 287 7.30 1.46 16.36
N ASN A 288 8.03 0.87 17.30
CA ASN A 288 9.32 0.24 17.00
C ASN A 288 9.13 -1.29 17.04
N PRO A 289 8.91 -1.93 15.87
CA PRO A 289 8.76 -3.39 15.83
C PRO A 289 10.04 -4.18 16.12
N LYS A 290 11.21 -3.54 16.08
CA LYS A 290 12.47 -4.17 16.53
C LYS A 290 12.54 -4.32 18.04
N ILE A 291 11.72 -3.55 18.76
CA ILE A 291 11.58 -3.69 20.22
C ILE A 291 10.57 -4.79 20.50
N GLU A 292 9.37 -4.65 19.96
CA GLU A 292 8.36 -5.73 20.02
C GLU A 292 7.41 -5.61 18.82
N GLU A 293 7.13 -6.74 18.17
CA GLU A 293 6.49 -6.77 16.85
C GLU A 293 5.02 -7.17 16.87
N GLU A 294 4.72 -8.42 17.23
CA GLU A 294 3.39 -8.97 17.01
C GLU A 294 2.30 -8.39 17.92
N ILE A 295 2.52 -8.45 19.24
CA ILE A 295 1.51 -7.96 20.21
C ILE A 295 1.20 -6.49 19.97
N THR A 296 2.26 -5.70 19.87
CA THR A 296 2.14 -4.26 19.71
C THR A 296 1.53 -3.94 18.35
N GLY A 297 2.16 -4.46 17.30
CA GLY A 297 1.66 -4.36 15.92
C GLY A 297 0.18 -4.61 15.77
N LYS A 298 -0.31 -5.71 16.34
CA LYS A 298 -1.74 -6.03 16.26
C LYS A 298 -2.61 -5.04 17.01
N ASN A 299 -2.16 -4.59 18.18
CA ASN A 299 -2.96 -3.65 18.97
C ASN A 299 -3.02 -2.26 18.33
N VAL A 300 -1.94 -1.85 17.67
CA VAL A 300 -1.90 -0.61 16.89
C VAL A 300 -2.97 -0.66 15.80
N LEU A 301 -3.01 -1.78 15.07
CA LEU A 301 -4.01 -1.99 14.03
C LEU A 301 -5.45 -2.03 14.54
N LYS A 302 -5.69 -2.57 15.74
CA LYS A 302 -7.02 -2.51 16.34
C LYS A 302 -7.44 -1.06 16.60
N CYS A 303 -6.49 -0.22 17.03
CA CYS A 303 -6.73 1.20 17.24
C CYS A 303 -7.05 1.91 15.92
N ILE A 304 -6.27 1.61 14.88
CA ILE A 304 -6.46 2.16 13.54
C ILE A 304 -7.82 1.71 12.96
N SER A 305 -8.18 0.45 13.17
CA SER A 305 -9.48 -0.05 12.73
C SER A 305 -10.62 0.68 13.43
N SER A 306 -10.49 0.86 14.74
CA SER A 306 -11.49 1.59 15.55
C SER A 306 -11.69 3.00 15.06
N LEU A 307 -10.62 3.62 14.59
CA LEU A 307 -10.66 4.98 14.03
C LEU A 307 -11.60 5.02 12.82
N PHE A 308 -11.46 4.02 11.96
CA PHE A 308 -12.31 3.86 10.80
C PHE A 308 -13.65 3.18 11.11
N GLY A 309 -13.82 2.63 12.32
CA GLY A 309 -15.07 2.01 12.76
C GLY A 309 -15.28 0.60 12.19
N ILE A 310 -14.21 -0.19 12.10
CA ILE A 310 -14.26 -1.59 11.63
C ILE A 310 -14.27 -2.49 12.86
N GLN B 15 16.26 -0.28 -6.80
CA GLN B 15 16.50 -0.47 -8.26
C GLN B 15 17.95 -0.27 -8.71
N SER B 16 18.25 -0.48 -9.99
CA SER B 16 17.26 -0.70 -11.04
C SER B 16 16.53 0.58 -11.41
N MET B 17 15.33 0.41 -11.96
CA MET B 17 14.52 1.52 -12.49
C MET B 17 13.70 2.28 -11.42
N GLN B 18 13.75 3.61 -11.48
CA GLN B 18 12.85 4.48 -10.67
C GLN B 18 11.66 4.99 -11.52
N PHE B 19 10.51 5.14 -10.89
CA PHE B 19 9.33 5.77 -11.50
C PHE B 19 8.79 6.88 -10.59
N GLU B 20 8.12 7.86 -11.18
CA GLU B 20 7.36 8.87 -10.43
C GLU B 20 6.30 8.18 -9.59
N LYS B 21 5.55 7.28 -10.20
CA LYS B 21 4.56 6.49 -9.48
C LYS B 21 4.45 5.05 -9.98
N VAL B 22 3.77 4.25 -9.17
CA VAL B 22 3.38 2.90 -9.54
C VAL B 22 1.90 2.81 -9.24
N THR B 23 1.11 2.39 -10.22
CA THR B 23 -0.30 2.14 -10.00
C THR B 23 -0.41 0.66 -9.65
N TYR B 24 -1.05 0.39 -8.53
CA TYR B 24 -1.16 -0.94 -8.00
C TYR B 24 -2.65 -1.20 -7.97
N ILE B 25 -3.08 -2.17 -8.78
CA ILE B 25 -4.48 -2.55 -8.80
C ILE B 25 -4.59 -3.93 -8.16
N ALA B 26 -5.27 -3.97 -7.02
CA ALA B 26 -5.61 -5.23 -6.37
C ALA B 26 -6.86 -5.71 -7.05
N VAL B 27 -6.85 -6.98 -7.48
CA VAL B 27 -7.98 -7.62 -8.14
C VAL B 27 -8.32 -8.96 -7.43
N PRO B 28 -9.21 -8.90 -6.43
CA PRO B 28 -9.60 -10.09 -5.66
C PRO B 28 -10.70 -10.87 -6.36
N GLN B 29 -10.27 -11.66 -7.35
CA GLN B 29 -11.14 -12.42 -8.22
C GLN B 29 -10.88 -13.92 -8.10
N LYS B 30 -11.84 -14.66 -7.56
CA LYS B 30 -11.78 -16.14 -7.57
C LYS B 30 -12.75 -16.78 -8.59
N TYR B 31 -13.65 -15.99 -9.17
CA TYR B 31 -14.79 -16.56 -9.89
C TYR B 31 -14.47 -17.14 -11.27
N GLY B 32 -13.25 -16.89 -11.76
CA GLY B 32 -12.75 -17.57 -12.96
C GLY B 32 -12.37 -19.03 -12.79
N GLN B 33 -12.39 -19.53 -11.56
CA GLN B 33 -12.18 -20.95 -11.27
C GLN B 33 -12.94 -21.36 -9.99
N LYS B 34 -12.69 -22.56 -9.48
CA LYS B 34 -13.50 -23.12 -8.41
C LYS B 34 -12.92 -22.93 -7.01
N LYS B 35 -11.59 -22.96 -6.91
CA LYS B 35 -10.92 -23.01 -5.60
C LYS B 35 -10.86 -21.65 -4.89
N VAL B 36 -11.31 -21.63 -3.64
CA VAL B 36 -11.31 -20.43 -2.80
C VAL B 36 -9.87 -20.07 -2.42
N GLY B 37 -9.62 -18.77 -2.24
CA GLY B 37 -8.37 -18.28 -1.67
C GLY B 37 -7.51 -17.45 -2.60
N VAL B 38 -7.64 -17.67 -3.92
CA VAL B 38 -6.90 -16.88 -4.91
C VAL B 38 -7.33 -15.41 -4.93
N GLU B 39 -8.54 -15.12 -4.44
CA GLU B 39 -9.01 -13.74 -4.25
C GLU B 39 -8.16 -12.97 -3.20
N GLU B 40 -7.55 -13.71 -2.28
CA GLU B 40 -6.72 -13.14 -1.23
C GLU B 40 -5.24 -13.07 -1.59
N GLY B 41 -4.87 -13.29 -2.85
CA GLY B 41 -3.49 -13.11 -3.27
C GLY B 41 -2.90 -11.71 -3.00
N PRO B 42 -3.66 -10.64 -3.32
CA PRO B 42 -3.14 -9.29 -3.06
C PRO B 42 -2.88 -9.10 -1.58
N LYS B 43 -3.89 -9.38 -0.77
CA LYS B 43 -3.80 -9.31 0.69
C LYS B 43 -2.56 -10.02 1.23
N PHE B 44 -2.28 -11.21 0.70
CA PHE B 44 -1.18 -12.03 1.22
C PHE B 44 0.20 -11.61 0.71
N LEU B 45 0.28 -11.15 -0.54
CA LEU B 45 1.50 -10.50 -1.02
C LEU B 45 1.80 -9.23 -0.22
N GLU B 46 0.76 -8.54 0.26
CA GLU B 46 0.94 -7.37 1.12
C GLU B 46 1.53 -7.75 2.48
N LYS B 47 1.09 -8.86 3.07
CA LYS B 47 1.68 -9.36 4.33
C LYS B 47 3.15 -9.70 4.18
N LEU B 48 3.56 -10.18 3.02
CA LEU B 48 4.95 -10.59 2.78
C LEU B 48 5.84 -9.46 2.26
N GLY B 49 5.30 -8.23 2.22
CA GLY B 49 6.10 -7.03 1.98
C GLY B 49 6.04 -6.45 0.58
N PHE B 50 4.97 -6.73 -0.14
CA PHE B 50 4.81 -6.23 -1.50
C PHE B 50 4.94 -4.69 -1.55
N MET B 51 4.29 -4.00 -0.63
CA MET B 51 4.34 -2.54 -0.59
C MET B 51 5.78 -2.07 -0.44
N ASN B 52 6.53 -2.70 0.45
CA ASN B 52 7.94 -2.37 0.61
C ASN B 52 8.81 -2.62 -0.63
N VAL B 53 8.41 -3.54 -1.49
CA VAL B 53 9.09 -3.74 -2.79
C VAL B 53 8.84 -2.54 -3.70
N LEU B 54 7.57 -2.12 -3.80
CA LEU B 54 7.18 -0.96 -4.61
C LEU B 54 7.82 0.33 -4.09
N GLU B 55 8.02 0.40 -2.77
CA GLU B 55 8.72 1.50 -2.12
C GLU B 55 10.19 1.68 -2.59
N GLN B 56 10.80 0.63 -3.15
CA GLN B 56 12.17 0.72 -3.74
C GLN B 56 12.18 1.31 -5.14
N VAL B 57 10.99 1.46 -5.73
CA VAL B 57 10.82 1.80 -7.14
C VAL B 57 10.17 3.18 -7.35
N ALA B 58 9.17 3.51 -6.54
CA ALA B 58 8.52 4.81 -6.58
C ALA B 58 8.19 5.28 -5.17
N LYS B 59 8.31 6.58 -4.97
CA LYS B 59 7.87 7.20 -3.74
C LYS B 59 6.35 7.29 -3.67
N SER B 60 5.66 7.16 -4.80
CA SER B 60 4.22 7.20 -4.88
C SER B 60 3.66 5.84 -5.33
N VAL B 61 2.63 5.37 -4.63
CA VAL B 61 1.89 4.23 -5.03
C VAL B 61 0.41 4.57 -4.92
N ASN B 62 -0.27 4.54 -6.06
CA ASN B 62 -1.71 4.69 -6.11
C ASN B 62 -2.29 3.29 -6.18
N LYS B 63 -2.79 2.80 -5.06
CA LYS B 63 -3.47 1.53 -5.01
C LYS B 63 -4.94 1.72 -5.32
N LYS B 64 -5.45 0.87 -6.21
CA LYS B 64 -6.87 0.76 -6.49
C LYS B 64 -7.27 -0.67 -6.12
N THR B 65 -8.37 -0.82 -5.39
CA THR B 65 -8.99 -2.12 -5.18
C THR B 65 -10.23 -2.27 -6.07
N ILE B 66 -10.19 -3.28 -6.95
CA ILE B 66 -11.35 -3.68 -7.76
C ILE B 66 -12.31 -4.43 -6.87
N THR B 67 -13.59 -4.04 -6.88
CA THR B 67 -14.61 -4.55 -5.96
C THR B 67 -14.72 -6.08 -6.04
N GLU B 68 -14.66 -6.73 -4.88
CA GLU B 68 -14.78 -8.18 -4.80
C GLU B 68 -16.26 -8.52 -4.87
N PRO B 69 -16.67 -9.37 -5.84
CA PRO B 69 -18.04 -9.88 -5.78
C PRO B 69 -18.20 -10.85 -4.60
N LYS B 70 -19.38 -10.86 -3.99
CA LYS B 70 -19.67 -11.64 -2.78
C LYS B 70 -20.90 -12.53 -2.95
N THR B 71 -21.12 -13.03 -4.17
CA THR B 71 -22.20 -13.95 -4.49
C THR B 71 -21.67 -15.38 -4.38
N PRO B 72 -22.57 -16.37 -4.12
CA PRO B 72 -22.11 -17.76 -4.05
C PRO B 72 -21.45 -18.25 -5.34
N GLN B 73 -20.43 -19.11 -5.22
CA GLN B 73 -19.87 -19.80 -6.39
C GLN B 73 -20.90 -20.80 -6.91
N GLU B 74 -21.17 -20.74 -8.20
CA GLU B 74 -22.11 -21.58 -8.92
C GLU B 74 -21.31 -22.81 -9.36
N THR B 78 -21.76 -25.78 -15.89
CA THR B 78 -22.14 -25.28 -17.20
C THR B 78 -20.90 -25.03 -18.03
N ASN B 79 -21.02 -24.29 -19.11
CA ASN B 79 -19.87 -24.03 -19.96
C ASN B 79 -19.04 -22.80 -19.54
N ALA B 80 -19.70 -21.81 -18.95
CA ALA B 80 -18.94 -20.66 -18.39
C ALA B 80 -19.45 -20.27 -17.00
N ARG B 81 -18.63 -20.57 -15.99
CA ARG B 81 -19.01 -20.47 -14.59
C ARG B 81 -18.83 -19.05 -14.05
N ASN B 82 -19.88 -18.53 -13.40
CA ASN B 82 -19.90 -17.21 -12.77
C ASN B 82 -19.60 -16.07 -13.76
N LEU B 83 -20.26 -16.12 -14.90
CA LEU B 83 -20.08 -15.10 -15.95
C LEU B 83 -20.31 -13.67 -15.44
N ASN B 84 -21.38 -13.49 -14.67
CA ASN B 84 -21.71 -12.20 -14.04
C ASN B 84 -20.55 -11.57 -13.28
N GLU B 85 -19.85 -12.41 -12.51
CA GLU B 85 -18.80 -11.96 -11.61
C GLU B 85 -17.52 -11.66 -12.40
N VAL B 86 -17.23 -12.46 -13.42
CA VAL B 86 -16.06 -12.25 -14.27
C VAL B 86 -16.29 -11.05 -15.21
N GLU B 87 -17.53 -10.88 -15.66
CA GLU B 87 -17.92 -9.69 -16.43
C GLU B 87 -17.72 -8.41 -15.61
N SER B 88 -18.40 -8.33 -14.47
CA SER B 88 -18.42 -7.12 -13.64
C SER B 88 -17.02 -6.69 -13.24
N VAL B 89 -16.18 -7.65 -12.87
CA VAL B 89 -14.80 -7.37 -12.46
C VAL B 89 -13.93 -6.91 -13.63
N ASN B 90 -14.00 -7.59 -14.77
CA ASN B 90 -13.20 -7.18 -15.95
C ASN B 90 -13.60 -5.80 -16.52
N ILE B 91 -14.89 -5.44 -16.42
CA ILE B 91 -15.37 -4.13 -16.84
C ILE B 91 -14.75 -3.04 -15.93
N GLU B 92 -14.92 -3.21 -14.61
CA GLU B 92 -14.33 -2.31 -13.64
C GLU B 92 -12.81 -2.23 -13.76
N LEU B 93 -12.17 -3.36 -14.01
CA LEU B 93 -10.71 -3.43 -14.17
C LEU B 93 -10.24 -2.69 -15.42
N ARG B 94 -10.90 -2.94 -16.55
CA ARG B 94 -10.63 -2.26 -17.83
C ARG B 94 -10.71 -0.75 -17.69
N ASP B 95 -11.78 -0.30 -17.06
CA ASP B 95 -12.08 1.10 -16.89
C ASP B 95 -11.06 1.80 -15.97
N THR B 96 -10.74 1.16 -14.85
CA THR B 96 -9.71 1.65 -13.95
C THR B 96 -8.37 1.78 -14.66
N ILE B 97 -7.97 0.71 -15.37
CA ILE B 97 -6.70 0.73 -16.10
C ILE B 97 -6.66 1.81 -17.18
N ALA B 98 -7.78 2.01 -17.88
CA ALA B 98 -7.86 3.03 -18.92
C ALA B 98 -7.56 4.42 -18.36
N LYS B 99 -8.11 4.72 -17.19
CA LYS B 99 -7.79 5.95 -16.48
C LYS B 99 -6.37 6.03 -15.95
N GLU B 100 -5.78 4.92 -15.50
CA GLU B 100 -4.53 4.96 -14.77
C GLU B 100 -3.29 4.53 -15.55
N TYR B 101 -3.46 3.93 -16.72
CA TYR B 101 -2.33 3.45 -17.50
C TYR B 101 -1.50 4.64 -17.98
N ASP B 102 -0.18 4.46 -18.05
CA ASP B 102 0.74 5.57 -18.22
C ASP B 102 2.06 5.08 -18.80
N VAL B 103 2.42 5.52 -19.99
CA VAL B 103 3.64 5.00 -20.65
C VAL B 103 4.95 5.45 -20.01
N ASN B 104 4.87 6.43 -19.09
CA ASN B 104 6.03 6.90 -18.32
C ASN B 104 6.19 6.22 -16.95
N ASN B 105 5.19 5.44 -16.54
CA ASN B 105 5.14 4.80 -15.22
C ASN B 105 4.77 3.32 -15.37
N LEU B 106 4.55 2.64 -14.26
CA LEU B 106 4.27 1.20 -14.26
C LEU B 106 2.94 0.94 -13.60
N LEU B 107 2.11 0.14 -14.24
CA LEU B 107 0.87 -0.33 -13.63
C LEU B 107 1.02 -1.84 -13.32
N ILE B 108 0.76 -2.24 -12.08
CA ILE B 108 0.86 -3.65 -11.68
C ILE B 108 -0.49 -4.13 -11.14
N ASN B 109 -1.04 -5.15 -11.82
CA ASN B 109 -2.27 -5.81 -11.42
C ASN B 109 -1.89 -7.08 -10.64
N ILE B 110 -2.49 -7.28 -9.48
CA ILE B 110 -2.25 -8.48 -8.70
C ILE B 110 -3.58 -9.18 -8.59
N GLY B 111 -3.60 -10.42 -9.10
CA GLY B 111 -4.78 -11.24 -9.01
C GLY B 111 -4.83 -12.09 -7.76
N GLY B 112 -5.91 -12.83 -7.54
CA GLY B 112 -6.95 -13.06 -8.54
C GLY B 112 -6.51 -14.09 -9.58
N ASP B 113 -7.49 -14.84 -10.08
CA ASP B 113 -7.26 -15.85 -11.12
C ASP B 113 -7.09 -15.21 -12.50
N HIS B 114 -6.73 -16.02 -13.52
CA HIS B 114 -6.31 -15.45 -14.80
C HIS B 114 -7.47 -15.01 -15.71
N SER B 115 -8.72 -15.12 -15.24
CA SER B 115 -9.85 -14.47 -15.89
C SER B 115 -9.79 -12.93 -15.87
N ILE B 116 -8.94 -12.36 -15.03
CA ILE B 116 -8.73 -10.90 -15.00
C ILE B 116 -7.92 -10.42 -16.22
N GLY B 117 -7.09 -11.31 -16.79
CA GLY B 117 -6.27 -10.96 -17.96
C GLY B 117 -7.04 -10.40 -19.16
N LEU B 118 -8.32 -10.78 -19.27
CA LEU B 118 -9.21 -10.15 -20.24
C LEU B 118 -9.36 -8.68 -19.88
N GLY B 119 -9.77 -8.44 -18.63
CA GLY B 119 -9.91 -7.08 -18.09
C GLY B 119 -8.67 -6.24 -18.24
N THR B 120 -7.50 -6.85 -18.02
CA THR B 120 -6.23 -6.10 -18.03
C THR B 120 -5.79 -5.76 -19.44
N ILE B 121 -5.93 -6.69 -20.39
CA ILE B 121 -5.60 -6.40 -21.79
C ILE B 121 -6.62 -5.42 -22.38
N ALA B 122 -7.88 -5.56 -21.97
CA ALA B 122 -8.95 -4.63 -22.35
C ALA B 122 -8.63 -3.19 -21.94
N GLY B 123 -8.17 -3.05 -20.70
CA GLY B 123 -7.76 -1.78 -20.13
C GLY B 123 -6.63 -1.12 -20.89
N VAL B 124 -5.58 -1.88 -21.18
CA VAL B 124 -4.42 -1.36 -21.94
C VAL B 124 -4.85 -0.92 -23.31
N VAL B 125 -5.66 -1.74 -23.98
CA VAL B 125 -6.19 -1.39 -25.29
C VAL B 125 -7.03 -0.11 -25.17
N LYS B 126 -7.87 0.01 -24.14
CA LYS B 126 -8.73 1.18 -23.99
C LYS B 126 -7.96 2.49 -23.68
N ALA B 127 -6.80 2.36 -23.03
CA ALA B 127 -5.94 3.48 -22.69
C ALA B 127 -5.25 4.03 -23.92
N MET B 128 -4.89 3.17 -24.87
CA MET B 128 -4.21 3.62 -26.08
C MET B 128 -5.19 4.17 -27.11
N LYS B 129 -4.67 4.82 -28.15
CA LYS B 129 -5.48 5.18 -29.30
C LYS B 129 -5.87 3.90 -30.07
N PRO B 130 -7.02 3.91 -30.80
CA PRO B 130 -7.50 2.69 -31.49
C PRO B 130 -6.51 2.06 -32.49
N ASN B 131 -5.69 2.89 -33.12
CA ASN B 131 -4.61 2.46 -34.02
C ASN B 131 -3.37 1.87 -33.33
N ALA B 132 -3.35 1.83 -31.99
CA ALA B 132 -2.20 1.32 -31.25
C ALA B 132 -2.05 -0.21 -31.36
N ARG B 133 -0.79 -0.60 -31.57
CA ARG B 133 -0.38 -1.98 -31.61
C ARG B 133 0.07 -2.40 -30.20
N VAL B 134 -0.76 -3.20 -29.55
CA VAL B 134 -0.57 -3.69 -28.17
C VAL B 134 -0.07 -5.12 -28.26
N GLY B 135 1.15 -5.37 -27.78
CA GLY B 135 1.74 -6.72 -27.72
C GLY B 135 1.45 -7.36 -26.38
N VAL B 136 1.33 -8.68 -26.35
CA VAL B 136 1.03 -9.41 -25.10
C VAL B 136 1.99 -10.59 -24.91
N VAL B 137 2.76 -10.56 -23.82
CA VAL B 137 3.57 -11.69 -23.37
C VAL B 137 2.78 -12.38 -22.29
N TRP B 138 2.51 -13.68 -22.52
CA TRP B 138 1.62 -14.46 -21.68
C TRP B 138 2.37 -15.64 -21.11
N PHE B 139 2.97 -15.41 -19.95
CA PHE B 139 3.81 -16.37 -19.24
C PHE B 139 2.91 -17.23 -18.39
N ASP B 140 2.82 -18.53 -18.70
CA ASP B 140 1.76 -19.39 -18.16
C ASP B 140 2.03 -20.88 -18.50
N ALA B 141 1.52 -21.81 -17.68
CA ALA B 141 1.49 -23.23 -18.09
C ALA B 141 0.41 -23.50 -19.16
N HIS B 142 -0.62 -22.65 -19.17
CA HIS B 142 -1.81 -22.79 -19.98
C HIS B 142 -1.93 -21.66 -21.01
N PRO B 143 -2.38 -21.96 -22.24
CA PRO B 143 -2.63 -20.87 -23.19
C PRO B 143 -3.86 -20.00 -22.88
N ASP B 144 -4.80 -20.53 -22.09
CA ASP B 144 -6.05 -19.84 -21.78
C ASP B 144 -6.79 -19.36 -23.02
N MET B 145 -6.90 -20.26 -23.98
CA MET B 145 -7.57 -20.01 -25.26
C MET B 145 -8.77 -20.93 -25.43
N ASN B 146 -9.36 -21.38 -24.33
CA ASN B 146 -10.56 -22.19 -24.42
C ASN B 146 -11.74 -21.26 -24.62
N THR B 147 -12.80 -21.84 -25.20
CA THR B 147 -14.08 -21.20 -25.31
C THR B 147 -15.04 -22.01 -24.45
N PRO B 148 -16.20 -21.42 -24.06
CA PRO B 148 -17.22 -22.18 -23.31
C PRO B 148 -17.58 -23.53 -23.93
N GLU B 149 -17.55 -23.61 -25.26
CA GLU B 149 -17.96 -24.84 -25.95
C GLU B 149 -16.91 -25.94 -25.86
N ASN B 150 -15.62 -25.59 -25.96
CA ASN B 150 -14.55 -26.61 -25.91
C ASN B 150 -13.82 -26.73 -24.56
N SER B 151 -14.32 -26.04 -23.53
CA SER B 151 -13.66 -26.01 -22.23
C SER B 151 -14.01 -27.28 -21.46
N PRO B 152 -12.98 -27.97 -20.91
CA PRO B 152 -13.26 -29.12 -20.05
C PRO B 152 -13.89 -28.75 -18.71
N SER B 153 -13.61 -27.54 -18.20
CA SER B 153 -13.99 -27.14 -16.86
C SER B 153 -15.17 -26.19 -16.75
N GLY B 154 -15.40 -25.38 -17.79
CA GLY B 154 -16.25 -24.19 -17.68
C GLY B 154 -15.66 -23.08 -16.78
N ASN B 155 -14.36 -23.13 -16.49
CA ASN B 155 -13.72 -22.11 -15.67
C ASN B 155 -13.27 -20.99 -16.60
N ILE B 156 -13.85 -19.80 -16.42
CA ILE B 156 -13.59 -18.70 -17.33
C ILE B 156 -12.10 -18.30 -17.35
N HIS B 157 -11.32 -18.64 -16.31
CA HIS B 157 -9.87 -18.36 -16.29
C HIS B 157 -9.04 -19.11 -17.35
N GLY B 158 -9.66 -20.10 -18.00
CA GLY B 158 -9.08 -20.78 -19.16
C GLY B 158 -9.45 -20.14 -20.48
N MET B 159 -10.21 -19.04 -20.44
CA MET B 159 -10.78 -18.40 -21.61
C MET B 159 -10.40 -16.96 -21.96
N PRO B 160 -9.67 -16.23 -21.07
CA PRO B 160 -9.55 -14.80 -21.27
C PRO B 160 -8.86 -14.39 -22.55
N LEU B 161 -7.83 -15.11 -22.96
CA LEU B 161 -7.05 -14.72 -24.12
C LEU B 161 -7.80 -15.08 -25.43
N ALA B 162 -8.63 -16.12 -25.37
CA ALA B 162 -9.61 -16.38 -26.43
C ALA B 162 -10.60 -15.21 -26.51
N CYS B 163 -11.11 -14.76 -25.37
CA CYS B 163 -12.04 -13.62 -25.36
C CYS B 163 -11.44 -12.35 -25.95
N ALA B 164 -10.15 -12.14 -25.69
CA ALA B 164 -9.41 -10.96 -26.18
C ALA B 164 -9.28 -10.93 -27.69
N VAL B 165 -9.12 -12.11 -28.30
CA VAL B 165 -9.08 -12.21 -29.78
C VAL B 165 -10.47 -12.37 -30.42
N GLY B 166 -11.53 -12.35 -29.61
CA GLY B 166 -12.91 -12.36 -30.10
C GLY B 166 -13.58 -13.71 -30.17
N LEU B 167 -12.91 -14.75 -29.62
CA LEU B 167 -13.47 -16.10 -29.53
C LEU B 167 -14.03 -16.29 -28.13
N GLY B 168 -15.35 -16.38 -28.03
CA GLY B 168 -15.98 -16.51 -26.73
C GLY B 168 -17.34 -15.88 -26.75
N PRO B 169 -18.04 -15.91 -25.61
CA PRO B 169 -19.37 -15.34 -25.54
C PRO B 169 -19.33 -13.81 -25.62
N GLN B 170 -20.46 -13.25 -26.04
CA GLN B 170 -20.59 -11.82 -26.32
C GLN B 170 -20.26 -10.97 -25.09
N ARG B 171 -20.78 -11.34 -23.91
CA ARG B 171 -20.60 -10.54 -22.69
C ARG B 171 -19.14 -10.40 -22.23
N LEU B 172 -18.25 -11.28 -22.68
CA LEU B 172 -16.81 -11.17 -22.40
C LEU B 172 -16.04 -10.53 -23.55
N THR B 173 -16.30 -10.96 -24.77
CA THR B 173 -15.61 -10.44 -25.94
C THR B 173 -15.88 -8.94 -26.14
N SER B 174 -17.09 -8.50 -25.82
CA SER B 174 -17.48 -7.07 -25.91
C SER B 174 -16.79 -6.14 -24.91
N ILE B 175 -16.18 -6.70 -23.87
CA ILE B 175 -15.38 -5.93 -22.95
C ILE B 175 -14.16 -5.35 -23.68
N MET B 176 -13.66 -6.03 -24.70
CA MET B 176 -12.58 -5.46 -25.53
C MET B 176 -13.10 -4.27 -26.34
N PRO B 177 -12.45 -3.09 -26.26
CA PRO B 177 -12.88 -2.01 -27.15
C PRO B 177 -12.81 -2.46 -28.61
N HIS B 178 -11.65 -2.99 -29.00
CA HIS B 178 -11.48 -3.82 -30.17
C HIS B 178 -10.61 -5.00 -29.77
N TYR B 179 -10.68 -6.07 -30.54
CA TYR B 179 -9.93 -7.29 -30.26
C TYR B 179 -8.47 -7.12 -30.60
N ILE B 180 -7.62 -7.79 -29.84
CA ILE B 180 -6.26 -8.09 -30.25
C ILE B 180 -6.35 -9.30 -31.21
N THR B 181 -5.25 -9.64 -31.85
CA THR B 181 -5.19 -10.78 -32.76
C THR B 181 -4.15 -11.78 -32.24
N PRO B 182 -4.24 -13.04 -32.72
CA PRO B 182 -3.26 -14.08 -32.39
C PRO B 182 -1.79 -13.71 -32.64
N LYS B 183 -1.53 -12.89 -33.67
CA LYS B 183 -0.16 -12.49 -33.97
C LYS B 183 0.40 -11.51 -32.93
N ASP B 184 -0.47 -10.97 -32.08
CA ASP B 184 -0.03 -10.11 -30.96
C ASP B 184 0.37 -10.86 -29.68
N ILE B 185 0.32 -12.20 -29.68
CA ILE B 185 0.57 -12.99 -28.47
C ILE B 185 1.91 -13.73 -28.54
N MET B 186 2.68 -13.62 -27.45
CA MET B 186 3.88 -14.44 -27.24
C MET B 186 3.68 -15.26 -25.98
N TYR B 187 3.54 -16.57 -26.17
CA TYR B 187 3.35 -17.52 -25.08
C TYR B 187 4.72 -17.96 -24.54
N VAL B 188 4.86 -18.01 -23.21
CA VAL B 188 6.11 -18.45 -22.57
C VAL B 188 5.79 -19.47 -21.48
N GLY B 189 6.40 -20.65 -21.60
CA GLY B 189 6.27 -21.73 -20.60
C GLY B 189 5.04 -22.60 -20.69
N ILE B 190 4.21 -22.41 -21.74
CA ILE B 190 3.01 -23.23 -21.93
C ILE B 190 3.37 -24.72 -22.06
N ARG B 191 2.55 -25.56 -21.44
CA ARG B 191 2.75 -26.99 -21.46
C ARG B 191 1.39 -27.69 -21.47
N SER B 192 0.54 -27.36 -20.51
CA SER B 192 -0.80 -27.97 -20.45
C SER B 192 -1.70 -27.27 -21.47
N ILE B 193 -1.91 -27.94 -22.61
CA ILE B 193 -2.62 -27.37 -23.75
C ILE B 193 -3.81 -28.25 -24.08
N ASP B 194 -5.04 -27.72 -24.02
CA ASP B 194 -6.23 -28.47 -24.48
C ASP B 194 -6.30 -28.54 -26.00
N VAL B 195 -7.17 -29.43 -26.48
CA VAL B 195 -7.30 -29.69 -27.92
C VAL B 195 -7.70 -28.41 -28.69
N GLY B 196 -8.65 -27.64 -28.15
CA GLY B 196 -9.10 -26.42 -28.80
C GLY B 196 -8.08 -25.29 -28.77
N GLU B 197 -7.25 -25.28 -27.74
CA GLU B 197 -6.15 -24.32 -27.62
C GLU B 197 -5.02 -24.67 -28.59
N GLN B 198 -4.77 -25.96 -28.78
CA GLN B 198 -3.76 -26.42 -29.74
C GLN B 198 -4.15 -26.06 -31.18
N PHE B 199 -5.45 -26.12 -31.45
CA PHE B 199 -5.99 -25.76 -32.77
C PHE B 199 -5.65 -24.31 -33.08
N GLU B 200 -5.86 -23.43 -32.11
CA GLU B 200 -5.57 -22.01 -32.27
C GLU B 200 -4.09 -21.71 -32.44
N ILE B 201 -3.23 -22.43 -31.73
CA ILE B 201 -1.78 -22.24 -31.83
C ILE B 201 -1.22 -22.66 -33.18
N GLN B 202 -1.69 -23.79 -33.71
CA GLN B 202 -1.25 -24.24 -35.04
C GLN B 202 -1.94 -23.41 -36.14
N ASP B 203 -3.25 -23.22 -36.02
CA ASP B 203 -4.06 -22.56 -37.06
C ASP B 203 -3.71 -21.08 -37.22
N LYS B 204 -3.60 -20.36 -36.10
CA LYS B 204 -3.24 -18.93 -36.12
C LYS B 204 -1.72 -18.67 -36.06
N HIS B 205 -0.88 -19.71 -36.09
CA HIS B 205 0.58 -19.57 -36.02
C HIS B 205 1.07 -18.68 -34.85
N ILE B 206 0.59 -18.97 -33.64
CA ILE B 206 0.83 -18.10 -32.48
C ILE B 206 2.22 -18.42 -31.94
N ASP B 207 3.07 -17.41 -31.89
CA ASP B 207 4.44 -17.56 -31.39
C ASP B 207 4.42 -18.04 -29.94
N HIS B 208 5.34 -18.93 -29.63
CA HIS B 208 5.36 -19.60 -28.35
C HIS B 208 6.69 -20.28 -28.09
N PHE B 209 7.09 -20.25 -26.82
CA PHE B 209 8.10 -21.13 -26.30
C PHE B 209 7.38 -21.89 -25.19
N THR B 210 7.32 -23.21 -25.33
CA THR B 210 6.86 -24.08 -24.25
C THR B 210 7.94 -24.09 -23.17
N ALA B 211 7.58 -24.64 -22.02
CA ALA B 211 8.57 -24.92 -20.98
C ALA B 211 9.75 -25.73 -21.55
N GLU B 212 9.45 -26.78 -22.33
CA GLU B 212 10.51 -27.61 -22.92
C GLU B 212 11.38 -26.82 -23.91
N ASP B 213 10.75 -26.00 -24.75
CA ASP B 213 11.47 -25.12 -25.68
C ASP B 213 12.41 -24.18 -24.94
N VAL B 214 11.90 -23.56 -23.87
CA VAL B 214 12.71 -22.66 -23.04
C VAL B 214 13.98 -23.35 -22.57
N LYS B 215 13.82 -24.55 -22.02
CA LYS B 215 14.97 -25.35 -21.54
C LYS B 215 16.01 -25.52 -22.66
N ARG B 216 15.55 -25.93 -23.84
CA ARG B 216 16.45 -26.29 -24.93
C ARG B 216 17.17 -25.07 -25.50
N VAL B 217 16.42 -24.00 -25.77
CA VAL B 217 16.97 -22.79 -26.43
C VAL B 217 17.65 -21.82 -25.45
N GLY B 218 17.14 -21.75 -24.22
CA GLY B 218 17.67 -20.83 -23.20
C GLY B 218 16.88 -19.53 -23.16
N MET B 219 16.53 -19.07 -21.97
CA MET B 219 15.62 -17.94 -21.79
C MET B 219 16.14 -16.62 -22.37
N LYS B 220 17.46 -16.52 -22.58
CA LYS B 220 18.06 -15.42 -23.35
C LYS B 220 17.41 -15.27 -24.74
N GLU B 221 17.23 -16.39 -25.43
CA GLU B 221 16.66 -16.40 -26.79
C GLU B 221 15.13 -16.18 -26.83
N VAL B 222 14.46 -16.44 -25.71
CA VAL B 222 13.05 -16.06 -25.54
C VAL B 222 12.95 -14.53 -25.57
N ILE B 223 13.85 -13.87 -24.85
CA ILE B 223 13.87 -12.40 -24.77
C ILE B 223 14.16 -11.74 -26.13
N GLU B 224 15.16 -12.24 -26.85
CA GLU B 224 15.45 -11.76 -28.20
C GLU B 224 14.26 -11.97 -29.13
N ALA B 225 13.54 -13.08 -28.95
CA ALA B 225 12.31 -13.36 -29.72
C ALA B 225 11.16 -12.41 -29.36
N ILE B 226 11.04 -12.06 -28.08
CA ILE B 226 10.07 -11.05 -27.63
C ILE B 226 10.43 -9.65 -28.19
N ASN B 227 11.71 -9.29 -28.07
CA ASN B 227 12.18 -7.97 -28.49
C ASN B 227 12.08 -7.76 -29.99
N LYS B 228 12.41 -8.80 -30.76
CA LYS B 228 12.32 -8.71 -32.21
C LYS B 228 10.88 -8.74 -32.72
N LYS B 229 9.99 -9.40 -31.96
CA LYS B 229 8.58 -9.54 -32.34
C LYS B 229 7.78 -8.27 -32.14
N PHE B 230 8.02 -7.59 -31.03
CA PHE B 230 7.27 -6.35 -30.71
C PHE B 230 7.99 -5.04 -31.11
N VAL B 231 9.02 -5.14 -31.95
CA VAL B 231 9.74 -3.97 -32.48
C VAL B 231 8.80 -2.92 -33.15
N ASP B 232 7.77 -3.37 -33.86
CA ASP B 232 6.76 -2.52 -34.53
C ASP B 232 5.55 -2.14 -33.67
N TYR B 233 5.52 -2.56 -32.41
CA TYR B 233 4.36 -2.37 -31.55
C TYR B 233 4.55 -1.13 -30.72
N ASP B 234 3.46 -0.61 -30.17
CA ASP B 234 3.49 0.60 -29.36
C ASP B 234 3.80 0.24 -27.91
N VAL B 235 3.01 -0.66 -27.34
CA VAL B 235 3.21 -1.11 -25.97
C VAL B 235 3.24 -2.65 -25.89
N ILE B 236 3.84 -3.16 -24.83
CA ILE B 236 3.80 -4.57 -24.47
C ILE B 236 3.07 -4.65 -23.14
N HIS B 237 2.28 -5.69 -22.98
CA HIS B 237 1.68 -6.02 -21.70
C HIS B 237 2.18 -7.43 -21.32
N LEU B 238 2.55 -7.63 -20.05
CA LEU B 238 3.00 -8.93 -19.56
C LEU B 238 1.93 -9.46 -18.62
N SER B 239 1.39 -10.65 -18.94
CA SER B 239 0.45 -11.33 -18.06
C SER B 239 1.16 -12.56 -17.53
N PHE B 240 1.51 -12.51 -16.24
CA PHE B 240 2.41 -13.48 -15.62
C PHE B 240 1.63 -14.32 -14.65
N ASP B 241 1.38 -15.57 -15.05
CA ASP B 241 0.72 -16.56 -14.21
C ASP B 241 1.87 -17.25 -13.51
N ILE B 242 1.81 -17.31 -12.21
CA ILE B 242 2.88 -17.92 -11.42
C ILE B 242 3.05 -19.43 -11.70
N ASP B 243 1.99 -20.10 -12.15
CA ASP B 243 2.08 -21.53 -12.44
C ASP B 243 2.80 -21.87 -13.75
N GLY B 244 3.19 -20.86 -14.51
CA GLY B 244 4.20 -21.04 -15.55
C GLY B 244 5.53 -21.49 -14.98
N ILE B 245 5.76 -21.13 -13.72
CA ILE B 245 6.96 -21.52 -12.99
C ILE B 245 6.75 -22.93 -12.43
N ASP B 246 7.85 -23.68 -12.38
CA ASP B 246 7.84 -25.05 -11.88
C ASP B 246 7.23 -25.16 -10.46
N PRO B 247 6.42 -26.22 -10.20
CA PRO B 247 5.80 -26.39 -8.86
C PRO B 247 6.75 -26.68 -7.68
N GLU B 248 8.02 -27.01 -7.97
CA GLU B 248 9.05 -27.06 -6.95
C GLU B 248 9.04 -25.78 -6.13
N PHE B 249 8.95 -24.64 -6.82
CA PHE B 249 9.02 -23.30 -6.26
C PHE B 249 7.65 -22.64 -6.05
N ILE B 250 6.66 -23.00 -6.87
CA ILE B 250 5.34 -22.37 -6.77
C ILE B 250 4.28 -23.42 -6.50
N LEU B 251 3.86 -23.54 -5.25
CA LEU B 251 2.81 -24.49 -4.86
C LEU B 251 1.46 -23.82 -4.69
N GLY B 252 1.46 -22.61 -4.17
CA GLY B 252 0.23 -21.86 -3.92
C GLY B 252 -0.39 -21.38 -5.19
N THR B 253 -1.00 -22.31 -5.90
CA THR B 253 -1.64 -22.03 -7.18
C THR B 253 -2.60 -23.18 -7.41
N GLY B 254 -3.74 -22.91 -8.05
CA GLY B 254 -4.83 -23.89 -8.17
C GLY B 254 -4.59 -25.03 -9.13
N THR B 255 -3.90 -24.74 -10.23
CA THR B 255 -3.59 -25.69 -11.29
C THR B 255 -2.09 -25.76 -11.56
N PRO B 256 -1.31 -26.35 -10.63
CA PRO B 256 0.13 -26.51 -10.87
C PRO B 256 0.39 -27.58 -11.93
N VAL B 257 1.50 -27.47 -12.65
CA VAL B 257 1.82 -28.34 -13.78
C VAL B 257 3.33 -28.55 -13.84
N PRO B 258 3.82 -29.80 -13.78
CA PRO B 258 5.26 -30.07 -13.73
C PRO B 258 6.04 -29.70 -14.99
N LYS B 259 7.36 -29.82 -14.92
CA LYS B 259 8.29 -29.48 -16.01
C LYS B 259 8.16 -28.02 -16.46
N GLY B 260 7.89 -27.14 -15.49
CA GLY B 260 7.76 -25.73 -15.77
C GLY B 260 9.08 -25.02 -15.89
N ILE B 261 8.99 -23.69 -15.91
CA ILE B 261 10.14 -22.82 -16.02
C ILE B 261 10.77 -22.79 -14.64
N SER B 262 12.10 -22.91 -14.56
CA SER B 262 12.80 -22.82 -13.28
C SER B 262 12.64 -21.41 -12.70
N LEU B 263 12.87 -21.29 -11.40
CA LEU B 263 12.80 -19.99 -10.73
C LEU B 263 13.89 -19.10 -11.29
N GLU B 264 15.10 -19.65 -11.38
CA GLU B 264 16.24 -18.98 -12.00
C GLU B 264 15.90 -18.36 -13.36
N ASP B 265 15.28 -19.14 -14.25
CA ASP B 265 14.82 -18.64 -15.56
C ASP B 265 13.69 -17.62 -15.45
N SER B 266 12.77 -17.80 -14.50
CA SER B 266 11.70 -16.82 -14.27
C SER B 266 12.22 -15.45 -13.76
N LEU B 267 13.29 -15.46 -12.97
CA LEU B 267 13.89 -14.22 -12.47
C LEU B 267 14.68 -13.52 -13.58
N TYR B 268 15.38 -14.30 -14.41
CA TYR B 268 16.08 -13.73 -15.57
C TYR B 268 15.08 -13.17 -16.57
N PHE B 269 13.96 -13.88 -16.74
CA PHE B 269 12.87 -13.46 -17.62
C PHE B 269 12.29 -12.11 -17.16
N MET B 270 11.97 -12.00 -15.89
CA MET B 270 11.39 -10.79 -15.33
C MET B 270 12.39 -9.63 -15.38
N SER B 271 13.65 -9.92 -15.05
CA SER B 271 14.74 -8.95 -15.18
C SER B 271 14.75 -8.34 -16.59
N GLU B 272 14.79 -9.19 -17.62
CA GLU B 272 14.87 -8.72 -19.01
C GLU B 272 13.56 -8.14 -19.54
N MET B 273 12.42 -8.63 -19.06
CA MET B 273 11.12 -8.02 -19.38
C MET B 273 11.07 -6.59 -18.84
N GLY B 274 11.44 -6.41 -17.57
CA GLY B 274 11.47 -5.10 -16.94
C GLY B 274 12.27 -4.03 -17.65
N LYS B 275 13.32 -4.45 -18.36
CA LYS B 275 14.17 -3.56 -19.15
C LYS B 275 13.62 -3.20 -20.54
N MET B 276 12.39 -3.63 -20.88
CA MET B 276 11.81 -3.33 -22.17
C MET B 276 11.09 -2.00 -22.13
N LYS B 277 11.55 -1.07 -22.96
CA LYS B 277 10.98 0.29 -23.00
C LYS B 277 9.45 0.26 -23.16
N LYS B 278 8.95 -0.68 -23.97
CA LYS B 278 7.52 -0.83 -24.21
C LYS B 278 6.69 -1.36 -23.04
N LEU B 279 7.33 -1.97 -22.04
CA LEU B 279 6.58 -2.61 -20.95
C LEU B 279 6.16 -1.59 -19.90
N HIS B 280 4.85 -1.34 -19.80
CA HIS B 280 4.30 -0.40 -18.81
C HIS B 280 3.22 -0.98 -17.93
N SER B 281 2.93 -2.27 -18.07
CA SER B 281 1.83 -2.93 -17.35
C SER B 281 2.14 -4.41 -17.14
N VAL B 282 1.76 -4.92 -15.96
CA VAL B 282 2.07 -6.29 -15.58
C VAL B 282 0.94 -6.87 -14.73
N ASP B 283 0.47 -8.07 -15.09
CA ASP B 283 -0.42 -8.84 -14.21
C ASP B 283 0.42 -9.89 -13.50
N ILE B 284 0.18 -10.09 -12.21
CA ILE B 284 0.76 -11.20 -11.45
C ILE B 284 -0.44 -11.95 -10.94
N VAL B 285 -0.60 -13.21 -11.35
CA VAL B 285 -1.87 -13.91 -11.16
C VAL B 285 -1.76 -15.36 -10.68
N GLU B 286 -2.87 -15.84 -10.10
CA GLU B 286 -3.06 -17.24 -9.67
C GLU B 286 -2.25 -17.64 -8.44
N TYR B 287 -1.97 -16.68 -7.56
CA TYR B 287 -1.45 -16.97 -6.22
C TYR B 287 -2.65 -17.27 -5.33
N ASN B 288 -2.77 -18.54 -4.93
CA ASN B 288 -3.71 -18.95 -3.90
C ASN B 288 -2.94 -19.28 -2.61
N PRO B 289 -2.83 -18.29 -1.69
CA PRO B 289 -2.13 -18.53 -0.42
C PRO B 289 -2.85 -19.50 0.54
N LYS B 290 -4.14 -19.78 0.33
CA LYS B 290 -4.85 -20.83 1.08
C LYS B 290 -4.40 -22.24 0.66
N ILE B 291 -3.80 -22.37 -0.51
CA ILE B 291 -3.18 -23.63 -0.94
C ILE B 291 -1.78 -23.71 -0.34
N GLU B 292 -0.94 -22.73 -0.61
CA GLU B 292 0.39 -22.62 0.02
C GLU B 292 0.81 -21.15 0.08
N GLU B 293 1.32 -20.73 1.23
CA GLU B 293 1.50 -19.30 1.57
C GLU B 293 2.93 -18.80 1.49
N GLU B 294 3.79 -19.28 2.37
CA GLU B 294 5.12 -18.68 2.59
C GLU B 294 6.09 -18.91 1.42
N ILE B 295 6.31 -20.18 1.03
CA ILE B 295 7.29 -20.50 -0.01
C ILE B 295 6.90 -19.84 -1.32
N THR B 296 5.64 -20.01 -1.67
CA THR B 296 5.11 -19.48 -2.93
C THR B 296 5.12 -17.96 -2.91
N GLY B 297 4.47 -17.40 -1.88
CA GLY B 297 4.46 -15.97 -1.62
C GLY B 297 5.80 -15.27 -1.76
N LYS B 298 6.84 -15.83 -1.13
CA LYS B 298 8.18 -15.26 -1.22
C LYS B 298 8.76 -15.34 -2.63
N ASN B 299 8.55 -16.46 -3.31
CA ASN B 299 9.09 -16.61 -4.67
C ASN B 299 8.40 -15.71 -5.69
N VAL B 300 7.10 -15.46 -5.50
CA VAL B 300 6.34 -14.51 -6.31
C VAL B 300 6.98 -13.12 -6.19
N LEU B 301 7.25 -12.72 -4.95
CA LEU B 301 7.91 -11.45 -4.65
C LEU B 301 9.31 -11.33 -5.23
N LYS B 302 10.09 -12.42 -5.26
CA LYS B 302 11.40 -12.41 -5.93
C LYS B 302 11.26 -12.14 -7.42
N CYS B 303 10.21 -12.71 -8.04
CA CYS B 303 9.92 -12.46 -9.46
C CYS B 303 9.54 -11.00 -9.69
N ILE B 304 8.68 -10.46 -8.83
CA ILE B 304 8.26 -9.07 -8.88
C ILE B 304 9.46 -8.12 -8.66
N SER B 305 10.33 -8.46 -7.72
CA SER B 305 11.54 -7.67 -7.49
C SER B 305 12.45 -7.66 -8.72
N SER B 306 12.62 -8.84 -9.33
CA SER B 306 13.43 -8.98 -10.55
C SER B 306 12.91 -8.13 -11.68
N LEU B 307 11.59 -7.99 -11.75
CA LEU B 307 10.93 -7.17 -12.76
C LEU B 307 11.38 -5.70 -12.62
N PHE B 308 11.43 -5.23 -11.37
CA PHE B 308 11.93 -3.91 -11.05
C PHE B 308 13.46 -3.83 -10.97
N GLY B 309 14.15 -4.97 -11.00
CA GLY B 309 15.61 -5.00 -11.06
C GLY B 309 16.27 -4.84 -9.71
N ILE B 310 15.76 -5.58 -8.73
CA ILE B 310 16.19 -5.50 -7.33
C ILE B 310 16.96 -6.77 -6.99
#